data_8R7S
#
_entry.id   8R7S
#
_cell.length_a   38.095
_cell.length_b   118.187
_cell.length_c   45.885
_cell.angle_alpha   90.000
_cell.angle_beta   103.270
_cell.angle_gamma   90.000
#
_symmetry.space_group_name_H-M   'P 1 21 1'
#
loop_
_entity.id
_entity.type
_entity.pdbx_description
1 polymer 'Peptidyl-prolyl cis-trans isomerase'
2 polymer 'CYCLOSPORIN A, 8 mutation'
3 water water
#
loop_
_entity_poly.entity_id
_entity_poly.type
_entity_poly.pdbx_seq_one_letter_code
_entity_poly.pdbx_strand_id
1 'polypeptide(L)'
;GHMAPAPPANSGESSLLSESELPAGISYAEAMEGGSRPLLHPDNPVVFFDISIGSHEAGRIKIELFKNLAPKSAENFRQF
CTGEFRQNQVPIGYKGATFHRIIKNFMIQGGDFVKGDGTGRLSIYGSSFPDEAFVLPHFRSGLLSLANSGPDTNGCQFFI
TCAKCDWLNRKHVVFGQVLGKESMQVVRKIEHVTVDGGNRPRIPVTVTQCGEL
;
A,B
2 'polypeptide(L)' (DAL)(MLE)(MLE)(MVA)(BMT)(ABA)(SAR)(IML)V(MLE)A C,D
#
# COMPACT_ATOMS: atom_id res chain seq x y z
N SER A 14 8.21 16.02 23.58
CA SER A 14 8.27 14.58 23.38
C SER A 14 7.32 14.12 22.29
N SER A 15 7.84 13.33 21.35
CA SER A 15 6.99 12.74 20.33
C SER A 15 6.11 11.61 20.86
N LEU A 16 6.38 11.10 22.06
CA LEU A 16 5.63 9.94 22.56
C LEU A 16 4.24 10.39 23.00
N LEU A 17 3.21 9.79 22.41
CA LEU A 17 1.83 10.16 22.71
C LEU A 17 1.40 9.53 24.03
N SER A 18 0.66 10.29 24.83
CA SER A 18 0.08 9.64 25.99
C SER A 18 -1.13 8.83 25.57
N GLU A 19 -1.56 7.94 26.47
CA GLU A 19 -2.64 7.01 26.13
C GLU A 19 -3.97 7.70 25.91
N SER A 20 -4.12 8.93 26.39
CA SER A 20 -5.30 9.74 26.09
C SER A 20 -5.20 10.52 24.79
N GLU A 21 -4.01 10.61 24.19
CA GLU A 21 -3.75 11.35 22.96
C GLU A 21 -3.67 10.45 21.73
N LEU A 22 -4.05 9.18 21.84
CA LEU A 22 -3.81 8.25 20.75
C LEU A 22 -4.74 8.50 19.57
N PRO A 23 -4.27 8.24 18.36
CA PRO A 23 -5.11 8.45 17.17
C PRO A 23 -6.20 7.39 17.09
N ALA A 24 -7.25 7.73 16.32
CA ALA A 24 -8.34 6.79 16.07
C ALA A 24 -7.81 5.57 15.33
N GLY A 25 -8.34 4.40 15.67
CA GLY A 25 -8.03 3.20 14.90
C GLY A 25 -7.11 2.22 15.59
N ILE A 26 -6.58 2.54 16.78
CA ILE A 26 -5.57 1.68 17.39
C ILE A 26 -5.96 1.19 18.77
N SER A 27 -7.19 1.42 19.25
CA SER A 27 -7.58 0.79 20.51
C SER A 27 -7.68 -0.72 20.31
N TYR A 28 -7.61 -1.47 21.42
CA TYR A 28 -7.77 -2.92 21.30
C TYR A 28 -9.10 -3.25 20.63
N ALA A 29 -10.18 -2.59 21.08
CA ALA A 29 -11.52 -2.87 20.54
C ALA A 29 -11.57 -2.59 19.05
N GLU A 30 -10.96 -1.50 18.62
CA GLU A 30 -10.98 -1.15 17.20
C GLU A 30 -10.19 -2.18 16.40
N ALA A 31 -8.99 -2.55 16.89
CA ALA A 31 -8.16 -3.49 16.16
C ALA A 31 -8.86 -4.84 16.04
N MET A 32 -9.57 -5.26 17.09
CA MET A 32 -10.21 -6.57 17.05
C MET A 32 -11.40 -6.60 16.08
N GLU A 33 -11.94 -5.43 15.71
CA GLU A 33 -12.95 -5.34 14.68
C GLU A 33 -12.35 -5.18 13.29
N GLY A 34 -11.03 -5.06 13.19
CA GLY A 34 -10.39 -4.95 11.90
C GLY A 34 -10.47 -6.23 11.10
N GLY A 35 -10.43 -6.06 9.77
CA GLY A 35 -10.43 -7.13 8.80
C GLY A 35 -9.09 -7.24 8.12
N SER A 36 -9.04 -6.90 6.84
CA SER A 36 -7.81 -6.98 6.06
CA SER A 36 -7.84 -6.98 6.02
C SER A 36 -7.41 -5.63 5.47
N ARG A 37 -8.05 -4.56 5.92
CA ARG A 37 -7.74 -3.20 5.50
C ARG A 37 -7.29 -2.39 6.71
N PRO A 38 -6.39 -1.43 6.51
CA PRO A 38 -5.82 -0.69 7.65
C PRO A 38 -6.83 0.22 8.33
N LEU A 39 -6.61 0.44 9.63
CA LEU A 39 -7.46 1.27 10.47
C LEU A 39 -6.88 2.63 10.78
N LEU A 40 -5.57 2.77 10.84
CA LEU A 40 -4.98 4.04 11.26
C LEU A 40 -4.82 5.01 10.11
N HIS A 41 -4.47 4.53 8.91
CA HIS A 41 -4.31 5.41 7.75
C HIS A 41 -4.58 4.56 6.51
N PRO A 42 -5.25 5.09 5.50
CA PRO A 42 -5.68 4.25 4.38
C PRO A 42 -4.56 3.64 3.58
N ASP A 43 -3.36 4.22 3.61
CA ASP A 43 -2.27 3.68 2.82
C ASP A 43 -1.37 2.75 3.63
N ASN A 44 -1.75 2.40 4.86
CA ASN A 44 -0.93 1.46 5.61
C ASN A 44 -1.06 0.07 5.00
N PRO A 45 0.05 -0.65 4.81
CA PRO A 45 -0.05 -2.04 4.35
C PRO A 45 -0.60 -2.95 5.45
N VAL A 46 -1.29 -4.00 5.02
CA VAL A 46 -1.70 -5.08 5.92
C VAL A 46 -1.02 -6.34 5.40
N VAL A 47 -0.30 -7.03 6.30
CA VAL A 47 0.45 -8.23 5.94
C VAL A 47 -0.10 -9.36 6.80
N PHE A 48 0.38 -10.57 6.53
CA PHE A 48 -0.08 -11.71 7.31
C PHE A 48 1.05 -12.71 7.51
N PHE A 49 0.91 -13.50 8.60
CA PHE A 49 1.68 -14.72 8.83
C PHE A 49 0.68 -15.86 9.02
N ASP A 50 0.90 -16.96 8.32
CA ASP A 50 0.27 -18.22 8.72
C ASP A 50 1.22 -18.93 9.68
N ILE A 51 0.71 -19.33 10.84
CA ILE A 51 1.53 -19.86 11.93
C ILE A 51 1.24 -21.33 12.11
N SER A 52 2.30 -22.13 12.27
CA SER A 52 2.19 -23.50 12.75
CA SER A 52 2.21 -23.49 12.76
C SER A 52 2.94 -23.63 14.07
N ILE A 53 2.38 -24.40 14.98
CA ILE A 53 3.03 -24.74 16.23
C ILE A 53 3.35 -26.23 16.13
N GLY A 54 4.63 -26.52 16.04
CA GLY A 54 5.04 -27.86 15.68
C GLY A 54 4.46 -28.20 14.35
N SER A 55 3.76 -29.34 14.32
CA SER A 55 3.08 -29.86 13.13
CA SER A 55 3.11 -29.80 13.10
C SER A 55 1.66 -29.34 12.98
N HIS A 56 1.19 -28.49 13.89
CA HIS A 56 -0.23 -28.11 14.01
C HIS A 56 -0.44 -26.66 13.55
N GLU A 57 -1.11 -26.45 12.41
CA GLU A 57 -1.52 -25.11 11.98
C GLU A 57 -2.30 -24.45 13.11
N ALA A 58 -1.90 -23.24 13.48
CA ALA A 58 -2.55 -22.47 14.54
C ALA A 58 -3.48 -21.40 14.02
N GLY A 59 -3.26 -20.90 12.81
CA GLY A 59 -4.11 -19.86 12.24
C GLY A 59 -3.26 -18.74 11.69
N ARG A 60 -3.94 -17.66 11.32
CA ARG A 60 -3.31 -16.54 10.64
C ARG A 60 -3.30 -15.30 11.53
N ILE A 61 -2.17 -14.59 11.51
CA ILE A 61 -2.07 -13.29 12.14
C ILE A 61 -2.03 -12.25 11.03
N LYS A 62 -2.98 -11.34 11.04
CA LYS A 62 -2.97 -10.20 10.11
C LYS A 62 -2.47 -8.99 10.89
N ILE A 63 -1.65 -8.17 10.23
CA ILE A 63 -0.96 -7.07 10.91
C ILE A 63 -1.04 -5.83 10.03
N GLU A 64 -1.56 -4.73 10.57
CA GLU A 64 -1.44 -3.42 9.92
C GLU A 64 -0.08 -2.85 10.28
N LEU A 65 0.67 -2.38 9.29
CA LEU A 65 1.96 -1.73 9.52
C LEU A 65 1.77 -0.22 9.43
N PHE A 66 2.21 0.51 10.44
CA PHE A 66 1.94 1.95 10.53
C PHE A 66 2.96 2.76 9.72
N LYS A 67 2.86 2.58 8.40
N LYS A 67 2.89 2.58 8.41
CA LYS A 67 3.64 3.36 7.43
CA LYS A 67 3.70 3.38 7.49
C LYS A 67 3.52 4.86 7.70
C LYS A 67 3.54 4.87 7.76
N ASN A 68 2.35 5.31 8.16
CA ASN A 68 2.14 6.74 8.39
C ASN A 68 2.97 7.28 9.55
N LEU A 69 3.34 6.43 10.49
CA LEU A 69 4.12 6.83 11.67
C LEU A 69 5.57 6.37 11.66
N ALA A 70 5.87 5.26 10.95
CA ALA A 70 7.17 4.60 11.04
C ALA A 70 7.42 3.96 9.69
N PRO A 71 7.61 4.79 8.65
CA PRO A 71 7.64 4.23 7.29
C PRO A 71 8.82 3.29 7.06
N LYS A 72 10.00 3.62 7.58
CA LYS A 72 11.13 2.74 7.31
C LYS A 72 10.96 1.38 7.99
N SER A 73 10.44 1.39 9.21
CA SER A 73 10.22 0.16 9.95
C SER A 73 9.14 -0.67 9.29
N ALA A 74 8.08 0.00 8.81
CA ALA A 74 6.99 -0.70 8.13
C ALA A 74 7.49 -1.33 6.84
N GLU A 75 8.29 -0.60 6.07
CA GLU A 75 8.71 -1.11 4.76
C GLU A 75 9.67 -2.28 4.91
N ASN A 76 10.56 -2.23 5.90
CA ASN A 76 11.46 -3.33 6.18
C ASN A 76 10.67 -4.59 6.46
N PHE A 77 9.73 -4.52 7.39
CA PHE A 77 8.92 -5.68 7.76
C PHE A 77 8.12 -6.16 6.57
N ARG A 78 7.51 -5.22 5.83
CA ARG A 78 6.69 -5.57 4.68
C ARG A 78 7.47 -6.36 3.65
N GLN A 79 8.67 -5.90 3.30
CA GLN A 79 9.44 -6.64 2.30
C GLN A 79 9.82 -8.02 2.82
N PHE A 80 10.11 -8.15 4.12
CA PHE A 80 10.40 -9.48 4.63
C PHE A 80 9.18 -10.40 4.61
N CYS A 81 7.97 -9.83 4.61
CA CYS A 81 6.77 -10.65 4.47
C CYS A 81 6.54 -11.13 3.05
N THR A 82 6.90 -10.34 2.05
CA THR A 82 6.54 -10.69 0.69
C THR A 82 7.65 -11.42 -0.05
N GLY A 83 8.85 -11.47 0.51
CA GLY A 83 9.96 -12.06 -0.21
C GLY A 83 10.54 -11.15 -1.27
N GLU A 84 10.25 -9.86 -1.22
CA GLU A 84 10.71 -8.90 -2.22
C GLU A 84 12.19 -8.60 -2.09
N PHE A 85 12.74 -8.72 -0.90
CA PHE A 85 14.13 -8.33 -0.67
C PHE A 85 15.07 -9.48 -0.99
N ARG A 86 16.09 -9.17 -1.77
CA ARG A 86 17.11 -10.14 -2.14
C ARG A 86 18.44 -9.78 -1.50
N GLN A 87 19.07 -10.78 -0.89
CA GLN A 87 20.42 -10.65 -0.37
C GLN A 87 21.31 -11.57 -1.18
N ASN A 88 22.33 -11.00 -1.82
CA ASN A 88 23.19 -11.76 -2.72
C ASN A 88 22.35 -12.50 -3.77
N GLN A 89 21.31 -11.81 -4.23
CA GLN A 89 20.39 -12.25 -5.28
C GLN A 89 19.49 -13.41 -4.87
N VAL A 90 19.34 -13.64 -3.57
CA VAL A 90 18.48 -14.67 -3.01
C VAL A 90 17.40 -13.99 -2.18
N PRO A 91 16.11 -14.29 -2.39
CA PRO A 91 15.06 -13.70 -1.56
C PRO A 91 15.20 -14.20 -0.15
N ILE A 92 15.02 -13.29 0.79
CA ILE A 92 15.15 -13.59 2.20
C ILE A 92 14.05 -12.87 2.95
N GLY A 93 13.58 -13.48 4.03
CA GLY A 93 12.51 -12.86 4.78
C GLY A 93 11.91 -13.80 5.81
N TYR A 94 10.67 -13.52 6.16
CA TYR A 94 10.01 -14.23 7.25
C TYR A 94 9.45 -15.59 6.89
N LYS A 95 9.40 -15.99 5.63
CA LYS A 95 8.86 -17.31 5.32
C LYS A 95 9.80 -18.35 5.92
N GLY A 96 9.26 -19.21 6.80
CA GLY A 96 10.03 -20.20 7.49
C GLY A 96 10.69 -19.67 8.74
N ALA A 97 10.55 -18.40 9.06
CA ALA A 97 11.13 -17.88 10.29
C ALA A 97 10.31 -18.30 11.49
N THR A 98 10.82 -18.01 12.69
CA THR A 98 10.22 -18.56 13.90
C THR A 98 10.07 -17.49 14.96
N PHE A 99 9.31 -17.83 16.00
CA PHE A 99 9.27 -17.09 17.26
C PHE A 99 10.18 -17.84 18.22
N HIS A 100 11.37 -17.29 18.47
CA HIS A 100 12.40 -18.00 19.20
C HIS A 100 12.44 -17.63 20.68
N ARG A 101 11.68 -16.63 21.12
CA ARG A 101 11.73 -16.22 22.52
C ARG A 101 10.33 -15.81 22.92
N ILE A 102 9.74 -16.55 23.86
CA ILE A 102 8.33 -16.45 24.20
C ILE A 102 8.22 -16.32 25.70
N ILE A 103 7.67 -15.20 26.18
CA ILE A 103 7.54 -14.97 27.62
C ILE A 103 6.08 -14.68 27.91
N LYS A 104 5.41 -15.67 28.47
CA LYS A 104 4.00 -15.56 28.80
C LYS A 104 3.74 -14.32 29.65
N ASN A 105 2.66 -13.60 29.31
CA ASN A 105 2.22 -12.39 30.00
C ASN A 105 3.14 -11.21 29.71
N PHE A 106 4.02 -11.31 28.72
CA PHE A 106 4.90 -10.22 28.33
C PHE A 106 4.82 -10.03 26.82
N MET A 107 5.48 -10.89 26.03
CA MET A 107 5.51 -10.72 24.58
C MET A 107 6.00 -12.01 23.91
N ILE A 108 5.84 -12.05 22.58
CA ILE A 108 6.40 -13.09 21.73
C ILE A 108 7.35 -12.43 20.76
N GLN A 109 8.56 -12.97 20.63
CA GLN A 109 9.62 -12.36 19.85
C GLN A 109 10.05 -13.32 18.73
N GLY A 110 10.24 -12.78 17.54
CA GLY A 110 10.64 -13.62 16.43
C GLY A 110 11.24 -12.83 15.29
N GLY A 111 11.32 -13.47 14.13
CA GLY A 111 11.84 -12.81 12.95
C GLY A 111 13.32 -12.91 12.74
N ASP A 112 14.02 -13.73 13.55
CA ASP A 112 15.45 -13.91 13.28
C ASP A 112 15.60 -14.99 12.22
N PHE A 113 15.43 -14.60 10.94
CA PHE A 113 15.59 -15.55 9.86
C PHE A 113 17.03 -15.82 9.52
N VAL A 114 17.96 -15.06 10.11
CA VAL A 114 19.39 -15.25 9.84
C VAL A 114 19.93 -16.42 10.65
N LYS A 115 19.64 -16.42 11.95
CA LYS A 115 20.26 -17.37 12.86
C LYS A 115 19.25 -18.14 13.66
N GLY A 116 18.00 -17.71 13.72
CA GLY A 116 16.97 -18.47 14.40
C GLY A 116 17.05 -18.49 15.91
N ASP A 117 17.89 -17.66 16.51
CA ASP A 117 18.11 -17.73 17.95
C ASP A 117 18.15 -16.40 18.67
N GLY A 118 17.93 -15.28 17.99
CA GLY A 118 17.98 -13.98 18.61
C GLY A 118 19.28 -13.25 18.35
N THR A 119 20.30 -13.93 17.80
CA THR A 119 21.55 -13.25 17.52
C THR A 119 21.56 -12.56 16.15
N GLY A 120 20.59 -12.87 15.27
CA GLY A 120 20.66 -12.41 13.89
C GLY A 120 20.16 -10.99 13.72
N ARG A 121 20.83 -10.27 12.82
CA ARG A 121 20.41 -8.93 12.46
C ARG A 121 20.73 -8.67 10.99
N LEU A 122 19.69 -8.27 10.25
CA LEU A 122 19.81 -7.81 8.88
C LEU A 122 18.58 -6.99 8.60
N SER A 123 18.69 -5.94 7.80
CA SER A 123 17.54 -5.15 7.36
C SER A 123 17.62 -4.94 5.86
N ILE A 124 16.55 -4.37 5.31
CA ILE A 124 16.59 -3.99 3.89
C ILE A 124 17.49 -2.81 3.61
N TYR A 125 17.99 -2.14 4.66
CA TYR A 125 18.82 -0.94 4.56
C TYR A 125 20.30 -1.22 4.79
N GLY A 126 20.65 -2.43 5.16
CA GLY A 126 22.00 -2.75 5.58
C GLY A 126 21.94 -3.57 6.85
N SER A 127 23.05 -3.62 7.57
CA SER A 127 23.10 -4.47 8.77
C SER A 127 22.08 -4.02 9.80
N SER A 128 21.88 -2.71 9.91
CA SER A 128 20.92 -2.19 10.88
C SER A 128 20.28 -0.91 10.32
N PHE A 129 19.28 -0.40 11.02
CA PHE A 129 18.71 0.90 10.69
C PHE A 129 18.34 1.66 11.95
N PRO A 130 18.38 3.00 11.90
CA PRO A 130 18.13 3.80 13.11
C PRO A 130 16.68 3.70 13.56
N ASP A 131 16.50 4.06 14.83
CA ASP A 131 15.17 4.24 15.40
C ASP A 131 14.49 5.41 14.72
N GLU A 132 13.27 5.17 14.25
CA GLU A 132 12.37 6.24 13.86
C GLU A 132 11.83 6.93 15.13
N ALA A 133 10.96 7.94 14.95
CA ALA A 133 10.40 8.64 16.10
C ALA A 133 9.64 7.65 16.99
N PHE A 134 9.73 7.84 18.29
CA PHE A 134 9.00 6.98 19.22
C PHE A 134 7.63 7.63 19.47
N VAL A 135 6.71 7.41 18.55
CA VAL A 135 5.39 8.04 18.62
C VAL A 135 4.44 7.27 19.53
N LEU A 136 4.36 5.94 19.36
CA LEU A 136 3.36 5.19 20.11
C LEU A 136 4.00 4.48 21.30
N PRO A 137 3.27 4.44 22.41
CA PRO A 137 3.70 3.66 23.58
C PRO A 137 3.28 2.19 23.43
N HIS A 138 3.89 1.35 24.26
CA HIS A 138 3.60 -0.09 24.34
C HIS A 138 2.40 -0.30 25.27
N PHE A 139 1.25 0.28 24.89
CA PHE A 139 0.18 0.50 25.85
C PHE A 139 -0.76 -0.70 26.05
N ARG A 140 -0.64 -1.74 25.22
CA ARG A 140 -1.60 -2.85 25.31
C ARG A 140 -1.00 -4.04 24.59
N SER A 141 -1.65 -5.18 24.76
CA SER A 141 -1.39 -6.37 23.97
CA SER A 141 -1.35 -6.36 23.97
C SER A 141 -1.75 -6.14 22.52
N GLY A 142 -1.09 -6.87 21.64
CA GLY A 142 -1.43 -6.85 20.22
C GLY A 142 -0.70 -5.84 19.37
N LEU A 143 0.36 -5.24 19.88
CA LEU A 143 1.16 -4.25 19.16
C LEU A 143 2.42 -4.89 18.63
N LEU A 144 2.83 -4.45 17.45
CA LEU A 144 4.08 -4.90 16.81
C LEU A 144 5.16 -3.87 17.08
N SER A 145 6.31 -4.31 17.59
CA SER A 145 7.39 -3.41 17.96
C SER A 145 8.72 -4.02 17.57
N LEU A 146 9.75 -3.18 17.42
CA LEU A 146 11.07 -3.62 16.95
C LEU A 146 11.90 -4.13 18.10
N ALA A 147 12.42 -5.34 17.98
CA ALA A 147 13.48 -5.82 18.88
C ALA A 147 14.79 -5.15 18.46
N ASN A 148 15.74 -4.95 19.39
CA ASN A 148 17.02 -4.33 19.02
C ASN A 148 18.01 -4.66 20.10
N SER A 149 19.19 -4.09 20.03
CA SER A 149 20.21 -4.31 21.04
C SER A 149 20.77 -3.00 21.53
N GLY A 150 19.91 -2.01 21.68
CA GLY A 150 20.31 -0.67 22.07
C GLY A 150 19.97 0.32 20.96
N PRO A 151 20.34 1.58 21.17
CA PRO A 151 19.96 2.63 20.22
C PRO A 151 20.39 2.31 18.80
N ASP A 152 19.47 2.53 17.86
CA ASP A 152 19.79 2.48 16.42
C ASP A 152 20.38 1.15 15.98
N THR A 153 19.74 0.04 16.40
CA THR A 153 20.22 -1.30 16.01
C THR A 153 19.09 -2.18 15.53
N ASN A 154 18.09 -1.58 14.88
CA ASN A 154 16.98 -2.35 14.33
C ASN A 154 17.47 -3.18 13.16
N GLY A 155 16.86 -4.36 13.00
CA GLY A 155 17.23 -5.26 11.92
C GLY A 155 16.02 -5.98 11.41
N CYS A 156 15.92 -7.27 11.70
CA CYS A 156 14.80 -8.09 11.25
C CYS A 156 13.88 -8.56 12.36
N GLN A 157 14.37 -8.61 13.60
CA GLN A 157 13.55 -9.16 14.66
C GLN A 157 12.49 -8.17 15.14
N PHE A 158 11.45 -8.71 15.73
CA PHE A 158 10.29 -7.94 16.16
C PHE A 158 9.67 -8.68 17.34
N PHE A 159 8.73 -8.01 18.00
CA PHE A 159 7.91 -8.70 18.99
C PHE A 159 6.47 -8.23 18.89
N ILE A 160 5.55 -9.07 19.36
CA ILE A 160 4.15 -8.72 19.49
C ILE A 160 3.84 -8.72 20.98
N THR A 161 3.35 -7.60 21.47
CA THR A 161 3.07 -7.48 22.89
C THR A 161 1.93 -8.42 23.32
N CYS A 162 2.09 -8.99 24.50
CA CYS A 162 1.07 -9.82 25.11
C CYS A 162 0.54 -9.20 26.39
N ALA A 163 0.98 -7.97 26.70
CA ALA A 163 0.56 -7.21 27.86
C ALA A 163 1.04 -5.80 27.57
N LYS A 164 0.54 -4.86 28.37
CA LYS A 164 1.13 -3.53 28.45
C LYS A 164 2.59 -3.65 28.92
N CYS A 165 3.48 -2.85 28.34
CA CYS A 165 4.92 -2.98 28.66
C CYS A 165 5.59 -1.64 28.36
N ASP A 166 5.14 -0.61 29.06
CA ASP A 166 5.58 0.76 28.82
C ASP A 166 7.01 1.02 29.24
N TRP A 167 7.64 0.11 29.98
CA TRP A 167 9.06 0.27 30.26
C TRP A 167 9.88 0.15 28.97
N LEU A 168 9.31 -0.33 27.87
CA LEU A 168 9.98 -0.41 26.58
C LEU A 168 9.86 0.89 25.78
N ASN A 169 9.06 1.84 26.26
CA ASN A 169 8.84 3.09 25.51
C ASN A 169 10.14 3.85 25.31
N ARG A 170 10.29 4.47 24.14
CA ARG A 170 11.46 5.26 23.76
C ARG A 170 12.71 4.41 23.60
N LYS A 171 12.58 3.09 23.64
CA LYS A 171 13.68 2.20 23.31
C LYS A 171 13.35 1.28 22.15
N HIS A 172 12.08 1.08 21.85
CA HIS A 172 11.61 0.25 20.75
C HIS A 172 10.51 0.98 20.02
N VAL A 173 10.57 1.00 18.70
CA VAL A 173 9.54 1.65 17.89
C VAL A 173 8.36 0.71 17.72
N VAL A 174 7.19 1.15 18.18
CA VAL A 174 5.93 0.46 17.93
C VAL A 174 5.45 0.84 16.53
N PHE A 175 5.34 -0.15 15.64
CA PHE A 175 5.10 0.15 14.23
C PHE A 175 3.96 -0.64 13.61
N GLY A 176 3.14 -1.35 14.38
CA GLY A 176 2.00 -2.01 13.80
C GLY A 176 1.07 -2.55 14.83
N GLN A 177 -0.03 -3.15 14.39
CA GLN A 177 -0.98 -3.78 15.28
C GLN A 177 -1.59 -5.00 14.61
N VAL A 178 -1.82 -6.05 15.38
CA VAL A 178 -2.56 -7.16 14.81
C VAL A 178 -4.04 -6.79 14.64
N LEU A 179 -4.68 -7.37 13.60
CA LEU A 179 -6.06 -7.05 13.26
C LEU A 179 -6.93 -8.29 13.41
N GLY A 180 -8.03 -8.14 14.13
CA GLY A 180 -9.06 -9.18 14.19
C GLY A 180 -8.85 -10.14 15.33
N LYS A 181 -9.98 -10.72 15.79
CA LYS A 181 -9.95 -11.66 16.91
C LYS A 181 -9.11 -12.90 16.64
N GLU A 182 -9.17 -13.48 15.43
CA GLU A 182 -8.34 -14.65 15.14
C GLU A 182 -6.87 -14.35 15.34
N SER A 183 -6.43 -13.18 14.89
CA SER A 183 -5.03 -12.82 15.04
C SER A 183 -4.61 -12.90 16.50
N MET A 184 -5.40 -12.29 17.39
CA MET A 184 -5.06 -12.35 18.81
C MET A 184 -5.14 -13.74 19.36
N GLN A 185 -6.09 -14.55 18.89
CA GLN A 185 -6.14 -15.92 19.38
C GLN A 185 -4.85 -16.65 19.03
N VAL A 186 -4.32 -16.40 17.83
CA VAL A 186 -3.08 -17.05 17.43
C VAL A 186 -1.92 -16.54 18.26
N VAL A 187 -1.88 -15.23 18.51
CA VAL A 187 -0.83 -14.68 19.38
C VAL A 187 -0.87 -15.36 20.75
N ARG A 188 -2.07 -15.52 21.31
CA ARG A 188 -2.19 -16.16 22.62
C ARG A 188 -1.75 -17.61 22.59
N LYS A 189 -2.04 -18.34 21.49
CA LYS A 189 -1.57 -19.71 21.37
C LYS A 189 -0.04 -19.74 21.42
N ILE A 190 0.61 -18.88 20.65
CA ILE A 190 2.06 -18.84 20.65
C ILE A 190 2.58 -18.54 22.04
N GLU A 191 1.97 -17.54 22.69
CA GLU A 191 2.40 -17.07 24.00
C GLU A 191 2.44 -18.19 25.02
N HIS A 192 1.56 -19.17 24.89
CA HIS A 192 1.40 -20.20 25.90
C HIS A 192 2.11 -21.51 25.59
N VAL A 193 2.94 -21.56 24.54
CA VAL A 193 3.64 -22.82 24.28
C VAL A 193 4.71 -23.05 25.35
N THR A 194 5.04 -24.31 25.56
CA THR A 194 6.05 -24.66 26.54
C THR A 194 7.42 -24.19 26.09
N VAL A 195 8.17 -23.60 27.01
CA VAL A 195 9.49 -23.06 26.72
C VAL A 195 10.55 -23.69 27.62
N ASP A 196 11.80 -23.62 27.16
CA ASP A 196 12.95 -24.04 27.95
C ASP A 196 13.39 -22.89 28.86
N GLY A 197 14.52 -23.08 29.56
CA GLY A 197 15.02 -22.11 30.50
C GLY A 197 15.42 -20.80 29.87
N GLY A 198 15.71 -20.79 28.58
CA GLY A 198 16.00 -19.59 27.84
C GLY A 198 14.81 -18.98 27.15
N ASN A 199 13.60 -19.45 27.48
CA ASN A 199 12.35 -18.97 26.88
C ASN A 199 12.25 -19.32 25.41
N ARG A 200 12.98 -20.33 24.97
CA ARG A 200 12.86 -20.80 23.59
C ARG A 200 11.82 -21.91 23.57
N PRO A 201 10.85 -21.90 22.65
CA PRO A 201 9.81 -22.94 22.65
C PRO A 201 10.43 -24.31 22.45
N ARG A 202 9.84 -25.28 23.12
CA ARG A 202 10.30 -26.66 22.95
C ARG A 202 9.87 -27.26 21.62
N ILE A 203 8.82 -26.74 21.02
CA ILE A 203 8.39 -27.15 19.70
C ILE A 203 8.38 -25.88 18.87
N PRO A 204 8.98 -25.86 17.69
CA PRO A 204 9.12 -24.58 17.00
CA PRO A 204 9.13 -24.61 16.93
C PRO A 204 7.79 -24.00 16.55
N VAL A 205 7.77 -22.68 16.57
CA VAL A 205 6.63 -21.88 16.17
C VAL A 205 7.06 -21.16 14.90
N THR A 206 6.46 -21.53 13.76
CA THR A 206 6.97 -21.14 12.46
C THR A 206 5.95 -20.34 11.67
N VAL A 207 6.44 -19.31 10.98
CA VAL A 207 5.71 -18.61 9.93
C VAL A 207 5.82 -19.49 8.68
N THR A 208 4.78 -20.24 8.37
CA THR A 208 4.91 -21.13 7.21
C THR A 208 4.71 -20.41 5.89
N GLN A 209 3.94 -19.32 5.89
CA GLN A 209 3.66 -18.53 4.71
C GLN A 209 3.43 -17.13 5.22
N CYS A 210 3.77 -16.14 4.40
CA CYS A 210 3.50 -14.76 4.76
C CYS A 210 3.39 -13.96 3.48
N GLY A 211 2.84 -12.77 3.61
CA GLY A 211 2.65 -11.94 2.44
C GLY A 211 1.82 -10.73 2.80
N GLU A 212 1.34 -10.07 1.76
CA GLU A 212 0.62 -8.81 1.89
C GLU A 212 -0.79 -8.98 1.38
N LEU A 213 -1.77 -8.40 2.09
CA LEU A 213 -3.18 -8.49 1.74
C LEU A 213 -3.66 -7.26 0.96
N SER B 14 17.05 0.49 -23.66
CA SER B 14 15.78 1.16 -23.45
C SER B 14 14.97 0.52 -22.31
N SER B 15 14.14 1.33 -21.65
CA SER B 15 13.36 0.83 -20.52
C SER B 15 12.00 0.25 -20.93
N LEU B 16 11.55 0.53 -22.15
CA LEU B 16 10.19 0.16 -22.53
C LEU B 16 10.09 -1.35 -22.81
N LEU B 17 9.14 -2.00 -22.15
CA LEU B 17 8.87 -3.42 -22.37
C LEU B 17 8.05 -3.66 -23.62
N SER B 18 8.43 -4.69 -24.36
CA SER B 18 7.58 -5.15 -25.45
C SER B 18 6.41 -5.94 -24.87
N GLU B 19 5.35 -6.08 -25.67
CA GLU B 19 4.17 -6.78 -25.20
C GLU B 19 4.48 -8.22 -24.80
N SER B 20 5.47 -8.85 -25.43
CA SER B 20 5.85 -10.20 -25.03
C SER B 20 6.60 -10.24 -23.70
N GLU B 21 7.06 -9.09 -23.22
CA GLU B 21 7.85 -8.99 -22.00
C GLU B 21 7.04 -8.50 -20.80
N LEU B 22 5.72 -8.37 -20.93
CA LEU B 22 4.95 -7.70 -19.89
C LEU B 22 4.85 -8.57 -18.63
N PRO B 23 4.86 -7.96 -17.45
CA PRO B 23 4.71 -8.72 -16.21
C PRO B 23 3.29 -9.27 -16.07
N ALA B 24 3.16 -10.31 -15.23
CA ALA B 24 1.85 -10.85 -14.92
C ALA B 24 0.99 -9.81 -14.19
N GLY B 25 -0.33 -9.87 -14.44
CA GLY B 25 -1.31 -9.10 -13.70
C GLY B 25 -1.86 -7.91 -14.43
N ILE B 26 -1.46 -7.66 -15.68
CA ILE B 26 -1.83 -6.42 -16.35
C ILE B 26 -2.45 -6.66 -17.72
N SER B 27 -2.73 -7.91 -18.07
CA SER B 27 -3.52 -8.10 -19.27
C SER B 27 -4.95 -7.60 -19.07
N TYR B 28 -5.63 -7.33 -20.18
CA TYR B 28 -7.02 -6.92 -20.08
C TYR B 28 -7.85 -7.94 -19.30
N ALA B 29 -7.72 -9.22 -19.65
CA ALA B 29 -8.49 -10.25 -18.96
C ALA B 29 -8.20 -10.27 -17.47
N GLU B 30 -6.93 -10.17 -17.08
CA GLU B 30 -6.56 -10.15 -15.67
C GLU B 30 -7.15 -8.97 -14.94
N ALA B 31 -7.04 -7.79 -15.53
CA ALA B 31 -7.54 -6.59 -14.86
C ALA B 31 -9.05 -6.67 -14.68
N MET B 32 -9.77 -7.25 -15.66
CA MET B 32 -11.22 -7.33 -15.56
C MET B 32 -11.68 -8.30 -14.49
N GLU B 33 -10.80 -9.19 -14.03
CA GLU B 33 -11.07 -10.08 -12.92
C GLU B 33 -10.69 -9.46 -11.59
N GLY B 34 -10.07 -8.29 -11.59
CA GLY B 34 -9.65 -7.68 -10.34
C GLY B 34 -10.83 -7.15 -9.55
N GLY B 35 -10.62 -7.07 -8.24
CA GLY B 35 -11.60 -6.51 -7.33
C GLY B 35 -11.09 -5.20 -6.79
N SER B 36 -10.66 -5.18 -5.53
CA SER B 36 -10.19 -3.97 -4.88
CA SER B 36 -10.21 -3.98 -4.87
C SER B 36 -8.76 -4.10 -4.40
N ARG B 37 -8.06 -5.16 -4.81
CA ARG B 37 -6.69 -5.42 -4.39
C ARG B 37 -5.79 -5.44 -5.62
N PRO B 38 -4.52 -5.01 -5.50
CA PRO B 38 -3.68 -4.89 -6.68
C PRO B 38 -3.30 -6.23 -7.28
N LEU B 39 -3.04 -6.20 -8.58
CA LEU B 39 -2.68 -7.41 -9.33
C LEU B 39 -1.23 -7.45 -9.77
N LEU B 40 -0.58 -6.30 -9.99
CA LEU B 40 0.78 -6.33 -10.51
C LEU B 40 1.80 -6.50 -9.40
N HIS B 41 1.58 -5.82 -8.26
CA HIS B 41 2.49 -5.95 -7.14
C HIS B 41 1.68 -5.77 -5.87
N PRO B 42 1.97 -6.56 -4.82
CA PRO B 42 1.07 -6.54 -3.64
C PRO B 42 1.02 -5.23 -2.90
N ASP B 43 2.02 -4.37 -3.04
CA ASP B 43 2.00 -3.09 -2.33
C ASP B 43 1.46 -1.94 -3.17
N ASN B 44 0.91 -2.21 -4.36
CA ASN B 44 0.36 -1.13 -5.13
C ASN B 44 -0.94 -0.66 -4.50
N PRO B 45 -1.14 0.66 -4.34
CA PRO B 45 -2.41 1.13 -3.79
C PRO B 45 -3.51 1.01 -4.83
N VAL B 46 -4.73 0.82 -4.34
CA VAL B 46 -5.94 0.82 -5.17
C VAL B 46 -6.81 1.98 -4.70
N VAL B 47 -7.20 2.83 -5.65
CA VAL B 47 -8.02 4.00 -5.39
C VAL B 47 -9.30 3.90 -6.19
N PHE B 48 -10.22 4.84 -5.96
CA PHE B 48 -11.46 4.82 -6.72
C PHE B 48 -11.93 6.23 -7.01
N PHE B 49 -12.72 6.34 -8.08
CA PHE B 49 -13.51 7.53 -8.43
C PHE B 49 -14.95 7.07 -8.53
N ASP B 50 -15.88 7.80 -7.90
CA ASP B 50 -17.30 7.71 -8.26
C ASP B 50 -17.57 8.82 -9.24
N ILE B 51 -18.24 8.49 -10.34
CA ILE B 51 -18.38 9.37 -11.50
C ILE B 51 -19.83 9.78 -11.62
N SER B 52 -20.07 11.06 -11.85
CA SER B 52 -21.39 11.55 -12.25
CA SER B 52 -21.39 11.51 -12.28
C SER B 52 -21.30 12.04 -13.69
N ILE B 53 -22.29 11.69 -14.50
CA ILE B 53 -22.45 12.27 -15.84
C ILE B 53 -23.64 13.19 -15.75
N GLY B 54 -23.41 14.49 -15.94
CA GLY B 54 -24.39 15.47 -15.52
C GLY B 54 -24.65 15.30 -14.04
N SER B 55 -25.91 15.13 -13.69
CA SER B 55 -26.29 14.91 -12.30
CA SER B 55 -26.31 14.93 -12.30
C SER B 55 -26.61 13.47 -11.98
N HIS B 56 -26.27 12.56 -12.87
CA HIS B 56 -26.61 11.16 -12.70
C HIS B 56 -25.38 10.33 -12.34
N GLU B 57 -25.52 9.53 -11.28
CA GLU B 57 -24.43 8.69 -10.84
C GLU B 57 -24.21 7.59 -11.88
N ALA B 58 -22.97 7.46 -12.33
CA ALA B 58 -22.64 6.53 -13.41
C ALA B 58 -21.90 5.30 -12.92
N GLY B 59 -21.44 5.28 -11.68
CA GLY B 59 -20.75 4.15 -11.15
C GLY B 59 -19.35 4.49 -10.72
N ARG B 60 -18.58 3.45 -10.43
CA ARG B 60 -17.28 3.56 -9.81
C ARG B 60 -16.17 3.04 -10.72
N ILE B 61 -15.06 3.76 -10.77
CA ILE B 61 -13.83 3.30 -11.43
C ILE B 61 -12.83 3.00 -10.33
N LYS B 62 -12.39 1.76 -10.23
CA LYS B 62 -11.32 1.39 -9.31
C LYS B 62 -10.03 1.31 -10.11
N ILE B 63 -8.93 1.79 -9.52
CA ILE B 63 -7.67 1.96 -10.20
C ILE B 63 -6.54 1.42 -9.35
N GLU B 64 -5.80 0.46 -9.88
CA GLU B 64 -4.52 0.07 -9.29
C GLU B 64 -3.44 1.01 -9.78
N LEU B 65 -2.66 1.57 -8.86
CA LEU B 65 -1.57 2.48 -9.18
C LEU B 65 -0.27 1.72 -9.07
N PHE B 66 0.53 1.75 -10.12
CA PHE B 66 1.73 0.92 -10.24
C PHE B 66 2.92 1.54 -9.52
N LYS B 67 2.78 1.62 -8.19
CA LYS B 67 3.86 2.10 -7.34
CA LYS B 67 3.87 2.09 -7.34
C LYS B 67 5.16 1.34 -7.59
N ASN B 68 5.08 0.03 -7.89
CA ASN B 68 6.30 -0.75 -8.12
C ASN B 68 7.11 -0.26 -9.33
N LEU B 69 6.46 0.33 -10.33
CA LEU B 69 7.11 0.77 -11.56
C LEU B 69 7.22 2.27 -11.70
N ALA B 70 6.35 3.02 -11.06
CA ALA B 70 6.23 4.47 -11.22
C ALA B 70 5.83 5.03 -9.87
N PRO B 71 6.71 4.95 -8.88
CA PRO B 71 6.28 5.33 -7.51
C PRO B 71 5.89 6.78 -7.35
N LYS B 72 6.61 7.70 -8.00
CA LYS B 72 6.23 9.11 -7.81
C LYS B 72 4.90 9.39 -8.47
N SER B 73 4.69 8.82 -9.66
CA SER B 73 3.42 9.04 -10.36
C SER B 73 2.26 8.45 -9.57
N ALA B 74 2.47 7.26 -9.00
CA ALA B 74 1.44 6.62 -8.20
C ALA B 74 1.10 7.44 -6.97
N GLU B 75 2.12 7.92 -6.25
CA GLU B 75 1.85 8.60 -4.99
C GLU B 75 1.16 9.94 -5.23
N ASN B 76 1.56 10.65 -6.29
CA ASN B 76 0.91 11.88 -6.69
C ASN B 76 -0.59 11.66 -6.86
N PHE B 77 -0.95 10.69 -7.71
CA PHE B 77 -2.35 10.40 -7.96
C PHE B 77 -3.04 9.98 -6.66
N ARG B 78 -2.38 9.11 -5.88
CA ARG B 78 -3.00 8.59 -4.66
C ARG B 78 -3.36 9.72 -3.70
N GLN B 79 -2.43 10.65 -3.45
CA GLN B 79 -2.75 11.72 -2.53
C GLN B 79 -3.87 12.60 -3.06
N PHE B 80 -3.93 12.82 -4.37
CA PHE B 80 -5.04 13.59 -4.91
C PHE B 80 -6.37 12.88 -4.77
N CYS B 81 -6.38 11.55 -4.53
CA CYS B 81 -7.62 10.84 -4.27
C CYS B 81 -8.04 10.88 -2.82
N THR B 82 -7.12 11.00 -1.87
CA THR B 82 -7.47 10.79 -0.47
C THR B 82 -7.63 12.08 0.33
N GLY B 83 -7.28 13.25 -0.23
CA GLY B 83 -7.31 14.48 0.52
C GLY B 83 -6.08 14.74 1.33
N GLU B 84 -5.01 13.95 1.13
CA GLU B 84 -3.79 14.07 1.93
C GLU B 84 -2.91 15.24 1.55
N PHE B 85 -3.07 15.79 0.37
CA PHE B 85 -2.21 16.84 -0.10
C PHE B 85 -2.86 18.18 0.17
N ARG B 86 -2.18 19.04 0.92
CA ARG B 86 -2.73 20.34 1.26
C ARG B 86 -1.85 21.47 0.72
N GLN B 87 -2.49 22.61 0.46
CA GLN B 87 -1.79 23.88 0.29
C GLN B 87 -2.28 24.84 1.36
N ASN B 88 -1.38 25.26 2.25
CA ASN B 88 -1.73 26.17 3.34
C ASN B 88 -2.93 25.65 4.10
N GLN B 89 -2.90 24.35 4.40
CA GLN B 89 -3.90 23.64 5.19
C GLN B 89 -5.17 23.31 4.40
N VAL B 90 -5.22 23.60 3.11
CA VAL B 90 -6.42 23.36 2.31
C VAL B 90 -6.18 22.13 1.44
N PRO B 91 -6.91 21.04 1.65
CA PRO B 91 -6.75 19.87 0.77
C PRO B 91 -7.17 20.20 -0.64
N ILE B 92 -6.44 19.63 -1.59
CA ILE B 92 -6.76 19.78 -2.99
C ILE B 92 -6.55 18.45 -3.67
N GLY B 93 -7.37 18.17 -4.67
CA GLY B 93 -7.30 16.88 -5.32
C GLY B 93 -8.44 16.68 -6.29
N TYR B 94 -8.73 15.41 -6.56
CA TYR B 94 -9.62 15.04 -7.65
C TYR B 94 -11.09 15.11 -7.31
N LYS B 95 -11.47 15.33 -6.06
CA LYS B 95 -12.89 15.41 -5.78
C LYS B 95 -13.42 16.68 -6.40
N GLY B 96 -14.40 16.56 -7.31
CA GLY B 96 -14.90 17.69 -8.06
C GLY B 96 -14.21 17.92 -9.38
N ALA B 97 -13.15 17.18 -9.67
CA ALA B 97 -12.44 17.33 -10.93
C ALA B 97 -13.24 16.68 -12.06
N THR B 98 -13.12 17.24 -13.26
CA THR B 98 -13.88 16.79 -14.42
C THR B 98 -13.00 16.07 -15.44
N PHE B 99 -13.67 15.41 -16.39
CA PHE B 99 -13.04 14.94 -17.63
C PHE B 99 -13.37 15.95 -18.69
N HIS B 100 -12.38 16.76 -19.07
CA HIS B 100 -12.64 17.88 -19.94
C HIS B 100 -12.40 17.57 -21.40
N ARG B 101 -11.83 16.42 -21.75
CA ARG B 101 -11.50 16.13 -23.14
C ARG B 101 -11.69 14.65 -23.35
N ILE B 102 -12.60 14.31 -24.24
CA ILE B 102 -13.05 12.94 -24.43
C ILE B 102 -13.02 12.65 -25.92
N ILE B 103 -12.24 11.65 -26.32
CA ILE B 103 -12.06 11.32 -27.74
C ILE B 103 -12.37 9.84 -27.94
N LYS B 104 -13.56 9.58 -28.44
CA LYS B 104 -14.02 8.22 -28.68
C LYS B 104 -12.99 7.43 -29.48
N ASN B 105 -12.76 6.19 -29.04
CA ASN B 105 -11.81 5.27 -29.68
C ASN B 105 -10.37 5.67 -29.43
N PHE B 106 -10.11 6.60 -28.51
CA PHE B 106 -8.75 7.03 -28.18
C PHE B 106 -8.56 7.03 -26.67
N MET B 107 -9.11 8.01 -25.95
CA MET B 107 -8.91 8.08 -24.51
C MET B 107 -9.87 9.11 -23.92
N ILE B 108 -9.95 9.09 -22.58
CA ILE B 108 -10.66 10.12 -21.81
C ILE B 108 -9.66 10.80 -20.90
N GLN B 109 -9.70 12.14 -20.87
CA GLN B 109 -8.69 12.93 -20.19
C GLN B 109 -9.35 13.79 -19.11
N GLY B 110 -8.74 13.83 -17.93
CA GLY B 110 -9.29 14.64 -16.86
C GLY B 110 -8.25 14.94 -15.79
N GLY B 111 -8.76 15.39 -14.65
CA GLY B 111 -7.94 15.68 -13.50
C GLY B 111 -7.41 17.08 -13.39
N ASP B 112 -7.87 18.02 -14.22
CA ASP B 112 -7.44 19.40 -14.09
C ASP B 112 -8.28 20.08 -13.02
N PHE B 113 -7.93 19.85 -11.75
CA PHE B 113 -8.62 20.54 -10.65
C PHE B 113 -8.11 21.96 -10.47
N VAL B 114 -7.05 22.36 -11.17
CA VAL B 114 -6.52 23.69 -11.04
C VAL B 114 -7.39 24.67 -11.81
N LYS B 115 -7.62 24.38 -13.09
CA LYS B 115 -8.33 25.30 -13.95
C LYS B 115 -9.56 24.71 -14.61
N GLY B 116 -9.74 23.41 -14.60
CA GLY B 116 -10.93 22.80 -15.15
C GLY B 116 -10.97 22.69 -16.66
N ASP B 117 -9.93 23.14 -17.38
CA ASP B 117 -10.02 23.25 -18.84
C ASP B 117 -8.88 22.59 -19.57
N GLY B 118 -7.95 21.93 -18.88
CA GLY B 118 -6.79 21.34 -19.49
C GLY B 118 -5.54 22.16 -19.38
N THR B 119 -5.62 23.41 -18.92
CA THR B 119 -4.39 24.17 -18.79
C THR B 119 -3.69 23.99 -17.45
N GLY B 120 -4.32 23.31 -16.49
CA GLY B 120 -3.80 23.32 -15.13
C GLY B 120 -2.71 22.29 -14.90
N ARG B 121 -1.73 22.68 -14.08
CA ARG B 121 -0.64 21.78 -13.72
C ARG B 121 -0.24 22.03 -12.28
N LEU B 122 -0.35 21.00 -11.45
CA LEU B 122 0.12 21.03 -10.08
C LEU B 122 0.38 19.58 -9.69
N SER B 123 1.45 19.34 -8.95
CA SER B 123 1.72 18.01 -8.42
C SER B 123 1.97 18.12 -6.93
N ILE B 124 2.00 16.97 -6.25
CA ILE B 124 2.35 16.98 -4.84
C ILE B 124 3.81 17.32 -4.62
N TYR B 125 4.61 17.31 -5.68
CA TYR B 125 6.04 17.55 -5.58
C TYR B 125 6.42 18.97 -5.91
N GLY B 126 5.49 19.75 -6.37
CA GLY B 126 5.75 21.09 -6.81
C GLY B 126 4.97 21.38 -8.06
N SER B 127 5.38 22.43 -8.77
CA SER B 127 4.64 22.84 -9.96
C SER B 127 4.54 21.74 -10.99
N SER B 128 5.57 20.91 -11.11
CA SER B 128 5.57 19.80 -12.06
C SER B 128 6.48 18.74 -11.47
N PHE B 129 6.50 17.56 -12.11
CA PHE B 129 7.49 16.56 -11.76
C PHE B 129 8.00 15.84 -13.00
N PRO B 130 9.25 15.39 -12.97
CA PRO B 130 9.83 14.75 -14.15
C PRO B 130 9.17 13.41 -14.49
N ASP B 131 9.39 13.02 -15.74
CA ASP B 131 9.02 11.67 -16.15
C ASP B 131 9.87 10.62 -15.44
N GLU B 132 9.18 9.64 -14.82
CA GLU B 132 9.83 8.41 -14.39
C GLU B 132 10.18 7.57 -15.62
N ALA B 133 10.80 6.41 -15.39
CA ALA B 133 11.15 5.52 -16.50
C ALA B 133 9.89 5.13 -17.27
N PHE B 134 10.01 5.03 -18.58
CA PHE B 134 8.88 4.62 -19.41
C PHE B 134 8.96 3.10 -19.56
N VAL B 135 8.40 2.41 -18.56
CA VAL B 135 8.47 0.95 -18.53
C VAL B 135 7.34 0.33 -19.36
N LEU B 136 6.11 0.71 -19.08
CA LEU B 136 4.98 0.09 -19.76
C LEU B 136 4.58 0.86 -21.02
N PRO B 137 4.21 0.12 -22.05
CA PRO B 137 3.59 0.71 -23.23
C PRO B 137 2.10 0.91 -23.05
N HIS B 138 1.55 1.76 -23.92
CA HIS B 138 0.10 2.01 -23.96
C HIS B 138 -0.61 0.93 -24.78
N PHE B 139 -0.52 -0.32 -24.30
CA PHE B 139 -0.74 -1.45 -25.18
C PHE B 139 -2.20 -1.87 -25.30
N ARG B 140 -3.10 -1.27 -24.54
CA ARG B 140 -4.51 -1.68 -24.55
C ARG B 140 -5.36 -0.58 -23.92
N SER B 141 -6.68 -0.73 -24.05
CA SER B 141 -7.64 0.06 -23.29
CA SER B 141 -7.58 0.11 -23.29
C SER B 141 -7.50 -0.22 -21.80
N GLY B 142 -7.91 0.75 -20.98
CA GLY B 142 -8.02 0.59 -19.53
C GLY B 142 -6.78 0.92 -18.73
N LEU B 143 -5.78 1.55 -19.34
CA LEU B 143 -4.55 1.96 -18.68
C LEU B 143 -4.63 3.42 -18.29
N LEU B 144 -4.02 3.74 -17.17
CA LEU B 144 -3.86 5.12 -16.70
C LEU B 144 -2.49 5.65 -17.06
N SER B 145 -2.47 6.85 -17.66
CA SER B 145 -1.21 7.43 -18.11
C SER B 145 -1.23 8.93 -17.82
N LEU B 146 -0.05 9.52 -17.71
CA LEU B 146 0.05 10.92 -17.35
C LEU B 146 -0.11 11.79 -18.60
N ALA B 147 -0.99 12.80 -18.53
CA ALA B 147 -1.01 13.85 -19.54
C ALA B 147 0.15 14.80 -19.25
N ASN B 148 0.64 15.49 -20.28
CA ASN B 148 1.75 16.43 -20.05
C ASN B 148 1.80 17.43 -21.19
N SER B 149 2.82 18.28 -21.16
CA SER B 149 3.06 19.21 -22.28
C SER B 149 4.49 19.06 -22.77
N GLY B 150 4.96 17.82 -22.85
CA GLY B 150 6.31 17.54 -23.27
C GLY B 150 7.13 17.02 -22.11
N PRO B 151 8.43 16.87 -22.33
CA PRO B 151 9.27 16.19 -21.33
C PRO B 151 9.23 16.86 -19.95
N ASP B 152 9.07 16.03 -18.91
CA ASP B 152 9.21 16.50 -17.53
C ASP B 152 8.23 17.61 -17.16
N THR B 153 6.97 17.45 -17.57
CA THR B 153 5.94 18.44 -17.27
C THR B 153 4.70 17.79 -16.66
N ASN B 154 4.87 16.70 -15.94
CA ASN B 154 3.74 16.06 -15.29
C ASN B 154 3.20 16.92 -14.16
N GLY B 155 1.89 16.84 -13.96
CA GLY B 155 1.25 17.60 -12.90
C GLY B 155 0.14 16.80 -12.28
N CYS B 156 -1.12 17.09 -12.60
CA CYS B 156 -2.27 16.44 -12.03
C CYS B 156 -3.14 15.75 -13.06
N GLN B 157 -3.06 16.13 -14.32
CA GLN B 157 -3.93 15.54 -15.32
C GLN B 157 -3.47 14.14 -15.73
N PHE B 158 -4.43 13.37 -16.20
CA PHE B 158 -4.20 11.98 -16.56
C PHE B 158 -5.16 11.64 -17.70
N PHE B 159 -4.93 10.48 -18.30
CA PHE B 159 -5.92 9.94 -19.23
C PHE B 159 -6.05 8.45 -18.99
N ILE B 160 -7.22 7.93 -19.33
CA ILE B 160 -7.49 6.50 -19.32
C ILE B 160 -7.63 6.08 -20.77
N THR B 161 -6.83 5.12 -21.20
CA THR B 161 -6.86 4.69 -22.59
C THR B 161 -8.17 4.02 -22.94
N CYS B 162 -8.67 4.30 -24.14
CA CYS B 162 -9.86 3.66 -24.67
C CYS B 162 -9.52 2.80 -25.86
N ALA B 163 -8.24 2.65 -26.18
CA ALA B 163 -7.71 1.79 -27.25
C ALA B 163 -6.21 1.73 -26.99
N LYS B 164 -5.52 0.84 -27.71
CA LYS B 164 -4.06 0.92 -27.69
C LYS B 164 -3.63 2.25 -28.28
N CYS B 165 -2.53 2.79 -27.80
N CYS B 165 -2.57 2.84 -27.72
CA CYS B 165 -2.07 4.06 -28.31
CA CYS B 165 -2.04 4.13 -28.19
C CYS B 165 -0.56 4.13 -28.14
C CYS B 165 -0.51 4.14 -28.11
N ASP B 166 0.14 3.20 -28.79
CA ASP B 166 1.57 3.05 -28.63
C ASP B 166 2.38 4.22 -29.17
N TRP B 167 1.78 5.10 -29.99
CA TRP B 167 2.50 6.31 -30.42
C TRP B 167 2.77 7.26 -29.26
N LEU B 168 2.17 7.03 -28.08
CA LEU B 168 2.44 7.81 -26.87
C LEU B 168 3.56 7.20 -26.04
N ASN B 169 4.06 6.03 -26.42
CA ASN B 169 5.10 5.36 -25.65
C ASN B 169 6.35 6.23 -25.57
N ARG B 170 6.99 6.22 -24.40
CA ARG B 170 8.23 6.94 -24.14
C ARG B 170 8.01 8.44 -24.07
N LYS B 171 6.76 8.90 -24.10
CA LYS B 171 6.41 10.29 -23.86
C LYS B 171 5.47 10.49 -22.70
N HIS B 172 4.67 9.49 -22.37
CA HIS B 172 3.73 9.54 -21.26
C HIS B 172 3.92 8.31 -20.41
N VAL B 173 4.02 8.46 -19.10
CA VAL B 173 4.25 7.35 -18.19
C VAL B 173 2.92 6.67 -17.93
N VAL B 174 2.86 5.37 -18.25
CA VAL B 174 1.74 4.50 -17.90
C VAL B 174 1.94 4.06 -16.44
N PHE B 175 1.01 4.46 -15.56
CA PHE B 175 1.22 4.26 -14.13
C PHE B 175 0.05 3.57 -13.44
N GLY B 176 -0.93 3.03 -14.13
CA GLY B 176 -1.97 2.29 -13.44
C GLY B 176 -2.88 1.59 -14.42
N GLN B 177 -3.86 0.90 -13.86
CA GLN B 177 -4.85 0.19 -14.66
C GLN B 177 -6.17 0.20 -13.92
N VAL B 178 -7.28 0.28 -14.66
CA VAL B 178 -8.58 0.14 -14.02
C VAL B 178 -8.83 -1.34 -13.70
N LEU B 179 -9.57 -1.60 -12.61
CA LEU B 179 -9.82 -2.97 -12.15
C LEU B 179 -11.29 -3.33 -12.19
N GLY B 180 -11.59 -4.46 -12.77
CA GLY B 180 -12.94 -4.99 -12.76
C GLY B 180 -13.81 -4.45 -13.89
N LYS B 181 -14.88 -5.20 -14.17
CA LYS B 181 -15.73 -4.91 -15.33
C LYS B 181 -16.47 -3.59 -15.19
N GLU B 182 -17.00 -3.28 -13.99
CA GLU B 182 -17.73 -2.03 -13.84
C GLU B 182 -16.85 -0.83 -14.17
N SER B 183 -15.57 -0.88 -13.77
CA SER B 183 -14.66 0.23 -14.05
C SER B 183 -14.59 0.51 -15.53
N MET B 184 -14.43 -0.53 -16.34
CA MET B 184 -14.34 -0.33 -17.78
C MET B 184 -15.68 0.08 -18.35
N GLN B 185 -16.79 -0.44 -17.81
CA GLN B 185 -18.09 0.03 -18.27
C GLN B 185 -18.24 1.54 -18.08
N VAL B 186 -17.79 2.05 -16.93
CA VAL B 186 -17.89 3.48 -16.68
C VAL B 186 -17.00 4.24 -17.66
N VAL B 187 -15.77 3.77 -17.88
CA VAL B 187 -14.88 4.35 -18.88
C VAL B 187 -15.58 4.45 -20.23
N ARG B 188 -16.19 3.35 -20.66
CA ARG B 188 -16.87 3.33 -21.95
C ARG B 188 -18.04 4.32 -21.98
N LYS B 189 -18.78 4.44 -20.89
CA LYS B 189 -19.88 5.39 -20.85
C LYS B 189 -19.36 6.82 -21.00
N ILE B 190 -18.32 7.17 -20.24
CA ILE B 190 -17.72 8.50 -20.39
C ILE B 190 -17.27 8.72 -21.83
N GLU B 191 -16.58 7.72 -22.39
CA GLU B 191 -15.99 7.83 -23.71
C GLU B 191 -17.02 8.19 -24.77
N HIS B 192 -18.25 7.75 -24.58
CA HIS B 192 -19.29 7.88 -25.60
C HIS B 192 -20.24 9.05 -25.35
N VAL B 193 -19.97 9.92 -24.39
CA VAL B 193 -20.85 11.08 -24.23
C VAL B 193 -20.70 12.06 -25.39
N THR B 194 -21.74 12.84 -25.67
CA THR B 194 -21.66 13.82 -26.74
C THR B 194 -20.63 14.88 -26.43
N VAL B 195 -19.80 15.22 -27.42
CA VAL B 195 -18.78 16.25 -27.28
C VAL B 195 -18.99 17.28 -28.38
N ASP B 196 -18.41 18.46 -28.15
CA ASP B 196 -18.37 19.52 -29.14
C ASP B 196 -17.21 19.30 -30.10
N GLY B 197 -16.99 20.27 -31.00
CA GLY B 197 -15.96 20.13 -32.01
C GLY B 197 -14.54 20.12 -31.46
N GLY B 198 -14.35 20.58 -30.23
CA GLY B 198 -13.10 20.52 -29.50
C GLY B 198 -12.98 19.32 -28.57
N ASN B 199 -13.90 18.35 -28.68
CA ASN B 199 -13.89 17.14 -27.84
C ASN B 199 -14.15 17.43 -26.37
N ARG B 200 -14.80 18.51 -26.07
CA ARG B 200 -15.25 18.81 -24.73
C ARG B 200 -16.67 18.28 -24.54
N PRO B 201 -16.96 17.58 -23.45
CA PRO B 201 -18.33 17.04 -23.30
C PRO B 201 -19.36 18.16 -23.20
N ARG B 202 -20.53 17.93 -23.77
CA ARG B 202 -21.59 18.92 -23.66
C ARG B 202 -22.19 18.93 -22.27
N ILE B 203 -22.17 17.79 -21.59
CA ILE B 203 -22.66 17.66 -20.23
C ILE B 203 -21.47 17.24 -19.37
N PRO B 204 -21.29 17.81 -18.18
CA PRO B 204 -20.05 17.56 -17.44
C PRO B 204 -19.93 16.13 -16.96
N VAL B 205 -18.69 15.69 -16.87
CA VAL B 205 -18.38 14.38 -16.32
C VAL B 205 -17.45 14.62 -15.14
N THR B 206 -17.89 14.26 -13.92
CA THR B 206 -17.20 14.72 -12.72
C THR B 206 -16.90 13.57 -11.78
N VAL B 207 -15.74 13.64 -11.14
CA VAL B 207 -15.41 12.76 -10.00
C VAL B 207 -16.10 13.35 -8.79
N THR B 208 -17.17 12.71 -8.32
CA THR B 208 -17.91 13.26 -7.19
C THR B 208 -17.42 12.72 -5.85
N GLN B 209 -16.70 11.60 -5.85
CA GLN B 209 -16.08 11.09 -4.63
C GLN B 209 -14.88 10.30 -5.06
N CYS B 210 -13.88 10.25 -4.19
CA CYS B 210 -12.68 9.48 -4.48
C CYS B 210 -12.00 9.11 -3.17
N GLY B 211 -11.13 8.12 -3.23
CA GLY B 211 -10.48 7.66 -2.02
C GLY B 211 -9.64 6.44 -2.31
N GLU B 212 -9.13 5.86 -1.24
CA GLU B 212 -8.28 4.66 -1.30
C GLU B 212 -9.03 3.48 -0.69
N LEU B 213 -8.92 2.34 -1.37
CA LEU B 213 -9.52 1.08 -0.89
C LEU B 213 -8.58 0.20 -0.08
N VAL C 9 -3.98 22.28 -26.97
CA VAL C 9 -4.31 20.92 -27.51
C VAL C 9 -3.97 21.03 -29.03
N ALA C 11 -3.68 18.91 -33.12
CA ALA C 11 -4.49 17.89 -33.86
C ALA C 11 -3.67 16.56 -33.67
N VAL D 9 20.38 -11.39 25.85
CA VAL D 9 19.08 -11.06 26.56
C VAL D 9 19.58 -10.76 28.02
N ALA D 11 18.65 -9.64 32.32
CA ALA D 11 17.61 -10.18 33.23
C ALA D 11 16.33 -9.33 33.05
#